data_5CS2
#
_entry.id   5CS2
#
_cell.length_a   45.953
_cell.length_b   45.953
_cell.length_c   138.440
_cell.angle_alpha   90.00
_cell.angle_beta   90.00
_cell.angle_gamma   120.00
#
_symmetry.space_group_name_H-M   'P 32 2 1'
#
loop_
_entity.id
_entity.type
_entity.pdbx_description
1 polymer 'Histidine triad protein'
2 polymer 'Cyclomarin A'
3 non-polymer 'CHLORIDE ION'
4 water water
#
loop_
_entity_poly.entity_id
_entity_poly.type
_entity_poly.pdbx_seq_one_letter_code
_entity_poly.pdbx_strand_id
1 'polypeptide(L)'
;GPEKYKNILEKLEWYKNKSSEKYEFGIYEIDKREVFITTKYSYGFVNNKPLLPGHILLTTLKKKKHYNDLDIEEIIDINL
LCNFMCYIMGNLFNTTDFSIAIQDGKEAGQTVDHVHIHIIPRKINDYKNNDNIYNDMNKINLGYGKNIICNSCNNTINVC
SQNEIERNFKLEEFNTSIRSIEQMEEEANLIKSYINEKFSS
;
A
2 'polypeptide(L)' (54C)(WLU)A(WPA)V(MLE)(WVL) B
#
# COMPACT_ATOMS: atom_id res chain seq x y z
N GLU A 3 11.56 0.54 17.72
CA GLU A 3 11.91 -0.86 17.51
C GLU A 3 10.74 -1.71 16.96
N LYS A 4 9.46 -1.43 17.32
CA LYS A 4 8.31 -2.22 16.80
C LYS A 4 8.32 -2.24 15.25
N TYR A 5 8.39 -1.04 14.66
CA TYR A 5 8.33 -0.89 13.22
C TYR A 5 9.58 -1.35 12.51
N LYS A 6 10.75 -1.20 13.17
CA LYS A 6 12.02 -1.66 12.66
C LYS A 6 11.94 -3.18 12.63
N ASN A 7 11.31 -3.78 13.67
CA ASN A 7 11.15 -5.23 13.76
C ASN A 7 10.22 -5.75 12.65
N ILE A 8 9.18 -4.97 12.33
CA ILE A 8 8.27 -5.37 11.25
C ILE A 8 9.06 -5.35 9.91
N LEU A 9 9.84 -4.28 9.67
CA LEU A 9 10.64 -4.14 8.45
C LEU A 9 11.63 -5.28 8.28
N GLU A 10 12.20 -5.77 9.41
CA GLU A 10 13.10 -6.91 9.36
C GLU A 10 12.31 -8.15 8.92
N LYS A 11 11.08 -8.33 9.46
CA LYS A 11 10.21 -9.44 9.08
C LYS A 11 9.78 -9.36 7.61
N LEU A 12 9.63 -8.12 7.09
CA LEU A 12 9.24 -7.88 5.70
C LEU A 12 10.45 -7.99 4.78
N GLU A 13 11.67 -8.17 5.34
CA GLU A 13 12.93 -8.26 4.62
C GLU A 13 13.20 -6.98 3.81
N TRP A 14 12.76 -5.84 4.36
CA TRP A 14 12.96 -4.56 3.72
C TRP A 14 14.38 -4.00 3.93
N TYR A 15 14.84 -3.22 2.95
CA TYR A 15 16.07 -2.44 2.99
C TYR A 15 15.85 -1.24 2.10
N LYS A 16 16.55 -0.12 2.40
CA LYS A 16 16.42 1.10 1.59
C LYS A 16 16.70 0.72 0.14
N ASN A 17 15.86 1.22 -0.80
CA ASN A 17 15.96 1.01 -2.23
C ASN A 17 15.55 -0.38 -2.71
N LYS A 18 15.02 -1.27 -1.82
CA LYS A 18 14.57 -2.57 -2.27
C LYS A 18 13.48 -2.34 -3.35
N SER A 19 13.60 -2.99 -4.50
CA SER A 19 12.62 -2.85 -5.58
C SER A 19 12.40 -4.17 -6.30
N SER A 20 11.40 -4.18 -7.19
CA SER A 20 11.09 -5.36 -8.00
C SER A 20 11.33 -4.93 -9.45
N GLU A 21 11.69 -5.87 -10.34
CA GLU A 21 11.93 -5.58 -11.76
C GLU A 21 10.65 -5.09 -12.44
N LYS A 22 9.49 -5.58 -11.98
CA LYS A 22 8.18 -5.23 -12.52
C LYS A 22 7.12 -5.29 -11.43
N TYR A 23 6.10 -4.48 -11.58
CA TYR A 23 4.98 -4.41 -10.64
C TYR A 23 3.68 -4.68 -11.36
N GLU A 24 3.16 -5.88 -11.17
CA GLU A 24 1.89 -6.27 -11.80
C GLU A 24 0.76 -6.03 -10.83
N PHE A 25 -0.36 -5.52 -11.34
CA PHE A 25 -1.57 -5.35 -10.54
C PHE A 25 -2.73 -5.78 -11.43
N GLY A 26 -3.16 -7.04 -11.31
CA GLY A 26 -4.19 -7.57 -12.20
C GLY A 26 -3.60 -7.60 -13.61
N ILE A 27 -4.36 -7.16 -14.60
CA ILE A 27 -3.85 -7.09 -16.00
C ILE A 27 -2.98 -5.82 -16.20
N TYR A 28 -2.91 -4.95 -15.17
CA TYR A 28 -2.21 -3.66 -15.25
C TYR A 28 -0.78 -3.72 -14.75
N GLU A 29 -0.01 -2.71 -15.11
CA GLU A 29 1.37 -2.65 -14.67
C GLU A 29 1.51 -1.31 -13.97
N ILE A 30 2.09 -1.31 -12.76
CA ILE A 30 2.26 -0.07 -12.00
C ILE A 30 3.64 0.49 -12.30
N ASP A 31 3.71 1.78 -12.59
CA ASP A 31 4.97 2.51 -12.85
C ASP A 31 5.80 2.47 -11.55
N LYS A 32 7.09 2.15 -11.68
CA LYS A 32 8.02 2.12 -10.53
C LYS A 32 8.06 3.42 -9.74
N ARG A 33 7.79 4.59 -10.41
CA ARG A 33 7.74 5.90 -9.79
C ARG A 33 6.58 6.05 -8.80
N GLU A 34 5.56 5.18 -8.92
CA GLU A 34 4.38 5.27 -8.05
C GLU A 34 4.45 4.37 -6.82
N VAL A 35 5.48 3.55 -6.74
CA VAL A 35 5.69 2.55 -5.70
C VAL A 35 6.54 3.17 -4.58
N PHE A 36 6.09 3.10 -3.35
CA PHE A 36 6.87 3.67 -2.24
C PHE A 36 7.55 2.60 -1.37
N ILE A 37 7.15 1.31 -1.48
CA ILE A 37 7.80 0.27 -0.70
C ILE A 37 7.60 -1.08 -1.38
N THR A 38 8.59 -1.94 -1.29
CA THR A 38 8.59 -3.31 -1.75
C THR A 38 9.09 -4.16 -0.61
N THR A 39 8.40 -5.30 -0.34
CA THR A 39 8.72 -6.25 0.73
C THR A 39 8.97 -7.62 0.09
N LYS A 40 9.18 -8.64 0.90
CA LYS A 40 9.43 -10.00 0.43
C LYS A 40 8.28 -10.50 -0.45
N TYR A 41 7.01 -10.16 -0.10
CA TYR A 41 5.82 -10.64 -0.83
C TYR A 41 4.86 -9.56 -1.31
N SER A 42 5.06 -8.30 -0.93
CA SER A 42 4.07 -7.27 -1.26
C SER A 42 4.71 -5.98 -1.73
N TYR A 43 3.88 -5.03 -2.11
CA TYR A 43 4.32 -3.68 -2.43
C TYR A 43 3.22 -2.68 -2.18
N GLY A 44 3.60 -1.45 -1.97
CA GLY A 44 2.69 -0.35 -1.71
C GLY A 44 2.84 0.69 -2.78
N PHE A 45 1.73 1.18 -3.29
CA PHE A 45 1.74 2.19 -4.32
C PHE A 45 0.64 3.21 -4.17
N VAL A 46 0.89 4.44 -4.64
N VAL A 46 0.86 4.41 -4.71
CA VAL A 46 -0.09 5.52 -4.55
CA VAL A 46 -0.05 5.56 -4.66
C VAL A 46 -1.25 5.25 -5.53
C VAL A 46 -1.23 5.34 -5.61
N ASN A 47 -2.46 5.61 -5.12
CA ASN A 47 -3.67 5.41 -5.94
C ASN A 47 -3.85 6.53 -6.98
N ASN A 48 -4.08 6.17 -8.27
CA ASN A 48 -4.33 7.14 -9.35
C ASN A 48 -5.71 7.77 -9.27
N LYS A 49 -6.63 7.10 -8.56
CA LYS A 49 -8.01 7.62 -8.37
C LYS A 49 -8.29 7.62 -6.85
N PRO A 50 -7.63 8.49 -6.06
CA PRO A 50 -7.83 8.47 -4.60
C PRO A 50 -9.24 8.91 -4.20
N LEU A 51 -9.80 8.25 -3.18
CA LEU A 51 -11.12 8.65 -2.67
C LEU A 51 -10.94 9.91 -1.86
N LEU A 52 -9.81 10.00 -1.15
CA LEU A 52 -9.42 11.13 -0.30
C LEU A 52 -7.89 11.24 -0.36
N PRO A 53 -7.28 12.38 0.09
CA PRO A 53 -5.80 12.47 0.05
C PRO A 53 -5.07 11.39 0.87
N GLY A 54 -3.98 10.89 0.33
CA GLY A 54 -3.20 9.86 1.01
C GLY A 54 -3.71 8.44 0.84
N HIS A 55 -4.73 8.26 0.01
CA HIS A 55 -5.29 6.93 -0.32
C HIS A 55 -4.23 6.10 -1.02
N ILE A 56 -3.79 5.03 -0.37
CA ILE A 56 -2.76 4.14 -0.89
C ILE A 56 -3.28 2.71 -1.02
N LEU A 57 -2.56 1.92 -1.80
CA LEU A 57 -2.90 0.51 -2.04
C LEU A 57 -1.73 -0.38 -1.71
N LEU A 58 -2.00 -1.56 -1.13
CA LEU A 58 -0.98 -2.58 -0.87
C LEU A 58 -1.40 -3.82 -1.62
N THR A 59 -0.47 -4.48 -2.32
CA THR A 59 -0.86 -5.68 -3.04
C THR A 59 0.24 -6.70 -2.98
N THR A 60 -0.05 -7.94 -3.39
CA THR A 60 0.93 -9.01 -3.40
C THR A 60 1.76 -8.91 -4.68
N LEU A 61 3.05 -9.30 -4.62
CA LEU A 61 3.90 -9.23 -5.82
C LEU A 61 3.40 -10.29 -6.82
N LYS A 62 2.94 -11.44 -6.30
CA LYS A 62 2.35 -12.53 -7.09
C LYS A 62 0.85 -12.25 -7.27
N LYS A 63 0.35 -12.35 -8.52
CA LYS A 63 -1.06 -12.11 -8.80
C LYS A 63 -1.91 -13.23 -8.21
N LYS A 64 -2.76 -12.89 -7.23
CA LYS A 64 -3.69 -13.81 -6.57
C LYS A 64 -5.00 -13.05 -6.48
N LYS A 65 -6.11 -13.68 -6.92
CA LYS A 65 -7.40 -13.00 -7.00
C LYS A 65 -8.10 -12.73 -5.67
N HIS A 66 -8.22 -13.78 -4.87
CA HIS A 66 -8.93 -13.73 -3.59
C HIS A 66 -7.99 -13.76 -2.41
N TYR A 67 -8.43 -13.16 -1.30
CA TYR A 67 -7.67 -13.14 -0.06
C TYR A 67 -7.34 -14.56 0.40
N ASN A 68 -8.25 -15.50 0.19
CA ASN A 68 -8.02 -16.89 0.59
C ASN A 68 -7.07 -17.66 -0.33
N ASP A 69 -6.59 -17.03 -1.43
CA ASP A 69 -5.57 -17.61 -2.32
C ASP A 69 -4.19 -17.35 -1.73
N LEU A 70 -4.07 -16.42 -0.73
CA LEU A 70 -2.76 -16.10 -0.16
C LEU A 70 -2.23 -17.19 0.73
N ASP A 71 -0.90 -17.39 0.71
CA ASP A 71 -0.23 -18.33 1.62
C ASP A 71 -0.03 -17.61 2.97
N ILE A 72 0.19 -18.37 4.04
CA ILE A 72 0.40 -17.86 5.40
C ILE A 72 1.45 -16.73 5.44
N GLU A 73 2.60 -16.93 4.76
CA GLU A 73 3.71 -15.98 4.68
C GLU A 73 3.24 -14.68 4.02
N GLU A 74 2.40 -14.77 2.95
CA GLU A 74 1.87 -13.60 2.26
C GLU A 74 0.86 -12.83 3.12
N ILE A 75 0.00 -13.55 3.87
CA ILE A 75 -1.00 -12.94 4.77
C ILE A 75 -0.26 -12.14 5.82
N ILE A 76 0.76 -12.74 6.44
CA ILE A 76 1.54 -12.03 7.45
C ILE A 76 2.23 -10.81 6.85
N ASP A 77 2.88 -11.00 5.69
CA ASP A 77 3.62 -9.91 5.04
C ASP A 77 2.74 -8.71 4.73
N ILE A 78 1.62 -8.92 4.01
CA ILE A 78 0.78 -7.82 3.58
C ILE A 78 0.13 -7.09 4.78
N ASN A 79 -0.12 -7.85 5.87
CA ASN A 79 -0.78 -7.27 7.04
C ASN A 79 0.18 -6.54 7.94
N LEU A 80 1.40 -7.02 8.08
CA LEU A 80 2.43 -6.26 8.81
C LEU A 80 2.76 -4.97 8.04
N LEU A 81 2.81 -5.05 6.69
CA LEU A 81 3.02 -3.84 5.86
C LEU A 81 1.88 -2.84 6.05
N CYS A 82 0.63 -3.33 6.11
CA CYS A 82 -0.51 -2.48 6.35
C CYS A 82 -0.37 -1.71 7.66
N ASN A 83 -0.07 -2.42 8.75
CA ASN A 83 0.08 -1.78 10.07
C ASN A 83 1.22 -0.73 10.02
N PHE A 84 2.36 -1.11 9.42
CA PHE A 84 3.53 -0.23 9.24
C PHE A 84 3.11 1.02 8.45
N MET A 85 2.35 0.84 7.32
CA MET A 85 1.95 1.98 6.51
C MET A 85 0.93 2.89 7.18
N CYS A 86 0.06 2.36 8.08
CA CYS A 86 -0.82 3.22 8.85
C CYS A 86 0.01 4.10 9.77
N TYR A 87 1.09 3.55 10.33
CA TYR A 87 2.01 4.34 11.16
C TYR A 87 2.65 5.47 10.34
N ILE A 88 3.23 5.13 9.17
CA ILE A 88 3.88 6.13 8.29
C ILE A 88 2.90 7.20 7.84
N MET A 89 1.74 6.79 7.27
CA MET A 89 0.74 7.72 6.78
C MET A 89 0.20 8.60 7.89
N GLY A 90 0.11 8.03 9.10
CA GLY A 90 -0.34 8.74 10.29
C GLY A 90 0.58 9.91 10.57
N ASN A 91 1.89 9.65 10.53
CA ASN A 91 2.93 10.66 10.72
C ASN A 91 2.95 11.70 9.59
N LEU A 92 2.76 11.27 8.32
CA LEU A 92 2.79 12.17 7.14
C LEU A 92 1.55 13.04 6.93
N PHE A 93 0.35 12.47 7.12
CA PHE A 93 -0.91 13.16 6.90
C PHE A 93 -1.52 13.76 8.18
N ASN A 94 -0.79 13.66 9.30
CA ASN A 94 -1.15 14.16 10.63
C ASN A 94 -2.55 13.67 11.05
N THR A 95 -2.66 12.34 11.16
CA THR A 95 -3.91 11.71 11.58
C THR A 95 -3.66 10.43 12.29
N THR A 96 -4.63 10.05 13.11
CA THR A 96 -4.53 8.81 13.83
C THR A 96 -5.60 7.87 13.25
N ASP A 97 -6.50 8.38 12.39
CA ASP A 97 -7.65 7.61 11.89
C ASP A 97 -7.55 7.18 10.44
N PHE A 98 -7.92 5.91 10.17
CA PHE A 98 -7.82 5.34 8.83
C PHE A 98 -8.98 4.42 8.55
N SER A 99 -9.37 4.35 7.29
CA SER A 99 -10.32 3.35 6.79
C SER A 99 -9.41 2.32 6.12
N ILE A 100 -9.49 1.07 6.57
CA ILE A 100 -8.65 0.02 6.03
C ILE A 100 -9.59 -1.02 5.44
N ALA A 101 -9.40 -1.42 4.17
CA ALA A 101 -10.37 -2.36 3.60
C ALA A 101 -9.86 -3.19 2.48
N ILE A 102 -10.45 -4.41 2.35
CA ILE A 102 -10.21 -5.32 1.22
C ILE A 102 -11.58 -5.56 0.55
N GLN A 103 -11.71 -5.29 -0.77
CA GLN A 103 -12.93 -5.61 -1.52
C GLN A 103 -12.58 -6.98 -2.07
N ASP A 104 -12.86 -8.04 -1.29
CA ASP A 104 -12.48 -9.40 -1.63
C ASP A 104 -13.47 -10.08 -2.57
N GLY A 105 -13.44 -9.70 -3.84
CA GLY A 105 -14.32 -10.29 -4.84
C GLY A 105 -15.21 -9.30 -5.53
N LYS A 106 -15.72 -9.69 -6.73
CA LYS A 106 -16.56 -8.83 -7.53
C LYS A 106 -17.79 -8.27 -6.81
N GLU A 107 -18.47 -9.13 -6.00
CA GLU A 107 -19.67 -8.66 -5.31
C GLU A 107 -19.33 -7.76 -4.09
N ALA A 108 -18.04 -7.64 -3.76
CA ALA A 108 -17.58 -6.68 -2.75
C ALA A 108 -17.02 -5.39 -3.44
N GLY A 109 -17.19 -5.31 -4.76
CA GLY A 109 -16.76 -4.12 -5.52
C GLY A 109 -15.33 -4.15 -6.06
N GLN A 110 -14.68 -5.30 -6.04
CA GLN A 110 -13.30 -5.42 -6.57
C GLN A 110 -13.32 -5.17 -8.11
N THR A 111 -12.50 -4.22 -8.62
CA THR A 111 -12.45 -3.90 -10.07
C THR A 111 -11.20 -4.46 -10.74
N VAL A 112 -10.16 -4.76 -9.94
CA VAL A 112 -8.92 -5.35 -10.40
C VAL A 112 -8.80 -6.71 -9.71
N ASP A 113 -8.67 -7.79 -10.49
CA ASP A 113 -8.66 -9.17 -10.00
C ASP A 113 -7.34 -9.56 -9.37
N HIS A 114 -6.97 -8.87 -8.27
CA HIS A 114 -5.70 -9.05 -7.60
C HIS A 114 -5.93 -8.48 -6.19
N VAL A 115 -5.74 -9.30 -5.16
CA VAL A 115 -5.93 -8.95 -3.74
C VAL A 115 -5.23 -7.65 -3.45
N HIS A 116 -5.95 -6.68 -2.89
CA HIS A 116 -5.29 -5.43 -2.46
C HIS A 116 -5.95 -4.82 -1.23
N ILE A 117 -5.16 -4.11 -0.40
CA ILE A 117 -5.71 -3.44 0.77
C ILE A 117 -5.71 -1.94 0.49
N HIS A 118 -6.81 -1.29 0.79
CA HIS A 118 -6.98 0.16 0.71
C HIS A 118 -6.66 0.72 2.08
N ILE A 119 -5.84 1.78 2.12
CA ILE A 119 -5.57 2.48 3.40
C ILE A 119 -5.91 3.91 3.07
N ILE A 120 -6.90 4.46 3.77
CA ILE A 120 -7.36 5.83 3.51
C ILE A 120 -7.27 6.65 4.79
N PRO A 121 -6.38 7.64 4.85
CA PRO A 121 -6.31 8.50 6.04
C PRO A 121 -7.63 9.24 6.19
N ARG A 122 -8.11 9.42 7.43
CA ARG A 122 -9.39 10.07 7.67
C ARG A 122 -9.29 11.30 8.61
N LYS A 123 -10.08 12.35 8.30
CA LYS A 123 -10.16 13.62 9.06
C LYS A 123 -11.62 14.07 9.22
N ILE A 124 -11.91 14.95 10.20
CA ILE A 124 -13.28 15.46 10.45
C ILE A 124 -13.92 16.04 9.17
N ASN A 125 -15.15 15.57 8.88
CA ASN A 125 -15.99 15.98 7.75
C ASN A 125 -15.27 15.92 6.38
N ASP A 126 -14.38 14.91 6.19
CA ASP A 126 -13.67 14.71 4.92
C ASP A 126 -14.61 14.15 3.87
N ILE A 178 -8.74 12.08 -10.35
CA ILE A 178 -7.71 11.56 -11.23
C ILE A 178 -6.36 12.29 -11.01
N ARG A 179 -5.24 11.53 -10.97
CA ARG A 179 -3.91 12.06 -10.70
C ARG A 179 -2.90 11.73 -11.81
N SER A 180 -2.03 12.70 -12.13
CA SER A 180 -0.98 12.57 -13.14
C SER A 180 0.21 11.83 -12.56
N ILE A 181 1.11 11.32 -13.42
CA ILE A 181 2.35 10.65 -13.01
C ILE A 181 3.21 11.61 -12.14
N GLU A 182 3.20 12.92 -12.46
CA GLU A 182 3.94 13.94 -11.71
C GLU A 182 3.50 13.99 -10.27
N GLN A 183 2.19 14.12 -10.01
CA GLN A 183 1.62 14.19 -8.66
C GLN A 183 1.85 12.89 -7.91
N MET A 184 1.68 11.75 -8.61
CA MET A 184 1.86 10.42 -8.03
C MET A 184 3.31 10.16 -7.66
N GLU A 185 4.27 10.53 -8.54
CA GLU A 185 5.70 10.40 -8.26
C GLU A 185 6.04 11.26 -7.04
N GLU A 186 5.50 12.48 -6.99
CA GLU A 186 5.75 13.40 -5.87
C GLU A 186 5.25 12.79 -4.56
N GLU A 187 4.02 12.23 -4.56
CA GLU A 187 3.46 11.59 -3.37
C GLU A 187 4.24 10.36 -2.99
N ALA A 188 4.58 9.48 -3.96
CA ALA A 188 5.36 8.29 -3.62
C ALA A 188 6.72 8.68 -3.07
N ASN A 189 7.33 9.75 -3.62
CA ASN A 189 8.66 10.19 -3.18
C ASN A 189 8.64 10.68 -1.74
N LEU A 190 7.61 11.42 -1.36
CA LEU A 190 7.44 11.91 0.00
C LEU A 190 7.35 10.72 0.99
N ILE A 191 6.59 9.67 0.61
CA ILE A 191 6.45 8.49 1.47
C ILE A 191 7.73 7.72 1.58
N LYS A 192 8.37 7.41 0.43
CA LYS A 192 9.63 6.70 0.37
C LYS A 192 10.71 7.46 1.17
N SER A 193 10.80 8.79 1.00
CA SER A 193 11.80 9.63 1.68
C SER A 193 11.67 9.55 3.19
N TYR A 194 10.42 9.57 3.68
CA TYR A 194 10.12 9.47 5.10
C TYR A 194 10.50 8.12 5.66
N ILE A 195 10.15 7.00 4.96
CA ILE A 195 10.52 5.67 5.39
C ILE A 195 12.05 5.61 5.53
N ASN A 196 12.78 6.07 4.49
CA ASN A 196 14.25 6.06 4.47
C ASN A 196 14.87 6.84 5.64
N GLU A 197 14.35 8.01 5.89
CA GLU A 197 14.84 8.90 6.95
C GLU A 197 14.72 8.27 8.36
N LYS A 198 13.56 7.63 8.64
CA LYS A 198 13.28 7.05 9.95
C LYS A 198 13.76 5.64 10.13
N PHE A 199 13.97 4.88 9.04
CA PHE A 199 14.26 3.46 9.18
C PHE A 199 15.51 2.95 8.50
N SER A 200 16.35 3.85 7.97
CA SER A 200 17.66 3.62 7.35
C SER A 200 17.58 3.36 5.88
N ALA B 3 -21.96 1.64 -0.20
N ALA B 3 -20.00 6.13 3.06
CA ALA B 3 -22.84 2.46 0.64
CA ALA B 3 -20.47 6.28 1.67
C ALA B 3 -22.09 3.28 1.66
C ALA B 3 -20.55 4.97 0.92
N VAL B 5 -17.59 4.00 3.42
N VAL B 5 -19.54 0.23 1.41
CA VAL B 5 -16.15 3.81 3.22
CA VAL B 5 -19.22 -0.88 2.33
C VAL B 5 -15.72 2.79 4.25
C VAL B 5 -17.76 -1.23 2.07
#